data_5LPV
#
_entry.id   5LPV
#
_cell.length_a   115.630
_cell.length_b   115.630
_cell.length_c   49.640
_cell.angle_alpha   90.00
_cell.angle_beta   90.00
_cell.angle_gamma   120.00
#
_symmetry.space_group_name_H-M   'P 62'
#
loop_
_entity.id
_entity.type
_entity.pdbx_description
1 polymer 'Protein BRASSINOSTEROID INSENSITIVE 1'
2 non-polymer 'PHOSPHOAMINOPHOSPHONIC ACID-ADENYLATE ESTER'
3 non-polymer 'MANGANESE (II) ION'
4 water water
#
_entity_poly.entity_id   1
_entity_poly.type   'polypeptide(L)'
_entity_poly.pdbx_seq_one_letter_code
;EKPLRKLAFADLLQATNGFHNDSLIGSGGFGDVYKAILKDGSAVAIKKLIHVSGQGDREFMAEMETIGKIKHRNLVPLLG
YCKVGDERLLVYEFMKYGSLEDVLHDPKKAGVKLNWSTRRKIAIGSARGLAFLHHNCSPHIIHRDMKSSNVLLDENLEAR
VSDFGMARLMSAMD(TPO)HL(SEP)V(SEP)TLAGTPGYVPPEYYQSFRCSTKGDVYSYGVVLLELLTGKRPTDSPDFG
DNNLVGWVKQHAKLRISDVFDPELMKEDPALEIELLQHLKVAVACLDDRAWRRPTMVQVMAMFKEIQA
;
_entity_poly.pdbx_strand_id   A
#
# COMPACT_ATOMS: atom_id res chain seq x y z
N PRO A 3 8.85 12.67 -17.20
CA PRO A 3 7.72 13.59 -17.02
C PRO A 3 6.37 12.90 -17.21
N LEU A 4 5.32 13.45 -16.58
CA LEU A 4 3.97 12.94 -16.76
C LEU A 4 3.55 13.19 -18.21
N ARG A 5 2.64 12.37 -18.73
CA ARG A 5 2.25 12.47 -20.13
C ARG A 5 0.73 12.46 -20.33
N LYS A 6 0.22 13.49 -21.00
CA LYS A 6 -1.20 13.55 -21.35
C LYS A 6 -1.46 12.61 -22.52
N LEU A 7 -2.15 11.51 -22.23
CA LEU A 7 -2.40 10.48 -23.23
C LEU A 7 -3.78 10.64 -23.88
N ALA A 8 -3.83 10.47 -25.19
CA ALA A 8 -5.09 10.52 -25.90
C ALA A 8 -5.99 9.38 -25.44
N PHE A 9 -7.29 9.64 -25.38
CA PHE A 9 -8.23 8.62 -24.93
C PHE A 9 -8.26 7.44 -25.90
N ALA A 10 -8.03 7.71 -27.17
CA ALA A 10 -8.06 6.68 -28.20
C ALA A 10 -6.94 5.66 -28.00
N ASP A 11 -5.77 6.14 -27.58
CA ASP A 11 -4.63 5.26 -27.33
C ASP A 11 -4.98 4.20 -26.28
N LEU A 12 -5.51 4.67 -25.15
CA LEU A 12 -5.90 3.77 -24.06
C LEU A 12 -7.01 2.83 -24.52
N LEU A 13 -7.89 3.33 -25.38
CA LEU A 13 -9.00 2.54 -25.90
C LEU A 13 -8.52 1.33 -26.70
N GLN A 14 -7.56 1.53 -27.59
CA GLN A 14 -7.08 0.45 -28.44
C GLN A 14 -6.03 -0.40 -27.74
N ALA A 15 -5.31 0.18 -26.79
CA ALA A 15 -4.31 -0.56 -26.04
C ALA A 15 -4.96 -1.67 -25.20
N THR A 16 -6.21 -1.44 -24.78
CA THR A 16 -6.94 -2.41 -23.99
C THR A 16 -7.97 -3.18 -24.81
N ASN A 17 -7.86 -3.09 -26.14
CA ASN A 17 -8.80 -3.75 -27.05
C ASN A 17 -10.24 -3.33 -26.76
N GLY A 18 -10.47 -2.02 -26.71
CA GLY A 18 -11.79 -1.49 -26.42
C GLY A 18 -12.22 -1.79 -24.99
N PHE A 19 -11.27 -1.72 -24.07
CA PHE A 19 -11.49 -2.08 -22.68
C PHE A 19 -12.11 -3.46 -22.58
N HIS A 20 -11.55 -4.39 -23.34
CA HIS A 20 -12.06 -5.75 -23.38
C HIS A 20 -11.87 -6.44 -22.03
N ASN A 21 -12.69 -7.45 -21.77
CA ASN A 21 -12.64 -8.15 -20.50
C ASN A 21 -11.32 -8.88 -20.30
N ASP A 22 -10.69 -9.27 -21.42
CA ASP A 22 -9.42 -9.99 -21.37
C ASP A 22 -8.29 -9.17 -20.78
N SER A 23 -8.44 -7.84 -20.84
CA SER A 23 -7.42 -6.94 -20.31
C SER A 23 -7.68 -6.60 -18.85
N LEU A 24 -8.87 -6.92 -18.37
CA LEU A 24 -9.29 -6.56 -17.02
C LEU A 24 -8.55 -7.38 -15.96
N ILE A 25 -7.83 -6.70 -15.08
CA ILE A 25 -7.08 -7.37 -14.02
C ILE A 25 -7.50 -6.91 -12.62
N GLY A 26 -8.59 -6.15 -12.55
CA GLY A 26 -9.09 -5.66 -11.29
C GLY A 26 -10.20 -4.65 -11.46
N SER A 27 -11.30 -4.84 -10.73
CA SER A 27 -12.45 -3.95 -10.81
C SER A 27 -13.13 -3.80 -9.45
N GLY A 28 -14.21 -3.03 -9.42
CA GLY A 28 -14.95 -2.80 -8.19
C GLY A 28 -14.34 -1.70 -7.34
N GLY A 29 -15.19 -1.02 -6.57
CA GLY A 29 -14.74 0.05 -5.70
C GLY A 29 -14.44 1.33 -6.44
N PHE A 30 -13.16 1.65 -6.58
CA PHE A 30 -12.74 2.88 -7.23
C PHE A 30 -12.95 2.84 -8.74
N GLY A 31 -12.46 1.79 -9.37
CA GLY A 31 -12.61 1.64 -10.82
C GLY A 31 -11.94 0.39 -11.36
N ASP A 32 -11.99 0.23 -12.67
CA ASP A 32 -11.39 -0.93 -13.32
C ASP A 32 -9.90 -0.72 -13.58
N VAL A 33 -9.14 -1.80 -13.48
CA VAL A 33 -7.72 -1.75 -13.81
C VAL A 33 -7.41 -2.72 -14.96
N TYR A 34 -6.83 -2.20 -16.03
CA TYR A 34 -6.54 -3.03 -17.20
C TYR A 34 -5.05 -3.20 -17.45
N LYS A 35 -4.67 -4.42 -17.83
CA LYS A 35 -3.33 -4.70 -18.33
C LYS A 35 -3.22 -4.25 -19.78
N ALA A 36 -2.20 -3.46 -20.09
CA ALA A 36 -2.09 -2.93 -21.45
C ALA A 36 -0.65 -2.67 -21.88
N ILE A 37 -0.46 -2.57 -23.19
CA ILE A 37 0.82 -2.19 -23.78
C ILE A 37 0.62 -1.01 -24.72
N LEU A 38 1.23 0.12 -24.38
CA LEU A 38 1.07 1.33 -25.17
C LEU A 38 1.67 1.19 -26.56
N LYS A 39 1.35 2.14 -27.44
CA LYS A 39 1.80 2.09 -28.82
C LYS A 39 3.32 2.25 -28.93
N ASP A 40 3.95 2.70 -27.85
CA ASP A 40 5.40 2.86 -27.80
C ASP A 40 6.07 1.62 -27.21
N GLY A 41 5.26 0.68 -26.71
CA GLY A 41 5.78 -0.55 -26.18
C GLY A 41 5.85 -0.60 -24.67
N SER A 42 5.42 0.48 -24.02
CA SER A 42 5.41 0.51 -22.57
C SER A 42 4.37 -0.46 -22.03
N ALA A 43 4.81 -1.33 -21.11
CA ALA A 43 3.91 -2.20 -20.38
C ALA A 43 3.30 -1.40 -19.24
N VAL A 44 1.98 -1.21 -19.28
CA VAL A 44 1.32 -0.36 -18.30
C VAL A 44 0.06 -0.98 -17.71
N ALA A 45 -0.40 -0.40 -16.61
CA ALA A 45 -1.71 -0.70 -16.06
C ALA A 45 -2.55 0.56 -16.15
N ILE A 46 -3.80 0.42 -16.59
CA ILE A 46 -4.66 1.58 -16.79
C ILE A 46 -5.88 1.50 -15.86
N LYS A 47 -6.04 2.53 -15.03
CA LYS A 47 -7.17 2.57 -14.11
C LYS A 47 -8.27 3.48 -14.66
N LYS A 48 -9.41 2.87 -14.98
CA LYS A 48 -10.59 3.61 -15.44
C LYS A 48 -11.50 3.94 -14.27
N LEU A 49 -11.49 5.20 -13.85
CA LEU A 49 -12.29 5.61 -12.69
C LEU A 49 -13.76 5.76 -13.03
N ILE A 50 -14.60 5.26 -12.12
CA ILE A 50 -16.04 5.40 -12.25
C ILE A 50 -16.55 6.49 -11.32
N HIS A 51 -17.85 6.79 -11.40
CA HIS A 51 -18.48 7.80 -10.56
C HIS A 51 -17.80 9.16 -10.67
N VAL A 52 -17.45 9.57 -11.88
CA VAL A 52 -16.76 10.84 -12.11
C VAL A 52 -17.60 12.03 -11.65
N SER A 53 -16.94 13.17 -11.46
CA SER A 53 -17.58 14.37 -10.93
C SER A 53 -18.24 14.08 -9.58
N GLY A 54 -17.44 13.59 -8.64
CA GLY A 54 -17.93 13.23 -7.32
C GLY A 54 -16.91 12.43 -6.55
N GLN A 55 -17.14 11.14 -6.41
CA GLN A 55 -16.21 10.26 -5.73
C GLN A 55 -15.16 9.73 -6.70
N GLY A 56 -15.31 10.08 -7.98
CA GLY A 56 -14.39 9.65 -9.00
C GLY A 56 -13.42 10.75 -9.41
N ASP A 57 -13.89 11.98 -9.41
CA ASP A 57 -13.05 13.11 -9.78
C ASP A 57 -12.16 13.53 -8.60
N ARG A 58 -12.66 13.31 -7.39
CA ARG A 58 -11.88 13.59 -6.19
C ARG A 58 -10.72 12.59 -6.08
N GLU A 59 -11.02 11.32 -6.31
CA GLU A 59 -9.99 10.28 -6.30
C GLU A 59 -8.97 10.51 -7.40
N PHE A 60 -9.44 11.06 -8.52
CA PHE A 60 -8.57 11.41 -9.64
C PHE A 60 -7.60 12.52 -9.25
N MET A 61 -8.13 13.60 -8.70
CA MET A 61 -7.34 14.75 -8.29
C MET A 61 -6.34 14.37 -7.21
N ALA A 62 -6.77 13.53 -6.28
CA ALA A 62 -5.94 13.10 -5.17
C ALA A 62 -4.64 12.45 -5.65
N GLU A 63 -4.73 11.66 -6.72
CA GLU A 63 -3.56 10.99 -7.26
C GLU A 63 -2.71 11.96 -8.08
N MET A 64 -3.38 12.88 -8.78
CA MET A 64 -2.65 13.87 -9.57
C MET A 64 -1.86 14.81 -8.68
N GLU A 65 -2.43 15.16 -7.52
CA GLU A 65 -1.82 16.14 -6.63
C GLU A 65 -0.74 15.53 -5.72
N THR A 66 -0.69 14.20 -5.64
CA THR A 66 0.30 13.55 -4.79
C THR A 66 1.28 12.70 -5.60
N ILE A 67 0.92 11.44 -5.86
CA ILE A 67 1.80 10.51 -6.56
C ILE A 67 2.13 10.99 -7.98
N GLY A 68 1.22 11.76 -8.57
CA GLY A 68 1.44 12.28 -9.90
C GLY A 68 2.54 13.32 -9.97
N LYS A 69 2.91 13.87 -8.83
CA LYS A 69 3.90 14.94 -8.77
C LYS A 69 5.24 14.48 -8.19
N ILE A 70 5.29 13.25 -7.69
CA ILE A 70 6.51 12.73 -7.08
C ILE A 70 6.96 11.41 -7.70
N LYS A 71 8.25 11.13 -7.59
CA LYS A 71 8.82 9.87 -8.06
C LYS A 71 9.79 9.30 -7.02
N HIS A 72 9.60 8.03 -6.67
CA HIS A 72 10.45 7.37 -5.68
C HIS A 72 10.62 5.90 -6.02
N ARG A 73 11.71 5.30 -5.57
CA ARG A 73 12.02 3.91 -5.87
C ARG A 73 10.97 2.93 -5.34
N ASN A 74 10.28 3.32 -4.27
CA ASN A 74 9.32 2.44 -3.62
C ASN A 74 7.87 2.92 -3.72
N LEU A 75 7.64 3.81 -4.68
CA LEU A 75 6.29 4.24 -5.00
C LEU A 75 5.97 3.83 -6.43
N VAL A 76 4.73 3.44 -6.69
CA VAL A 76 4.32 3.13 -8.05
C VAL A 76 4.44 4.39 -8.89
N PRO A 77 5.10 4.29 -10.06
CA PRO A 77 5.17 5.47 -10.93
C PRO A 77 3.88 5.70 -11.71
N LEU A 78 3.37 6.92 -11.65
CA LEU A 78 2.27 7.32 -12.49
C LEU A 78 2.83 7.88 -13.79
N LEU A 79 2.69 7.10 -14.86
CA LEU A 79 3.28 7.48 -16.14
C LEU A 79 2.45 8.52 -16.87
N GLY A 80 1.13 8.34 -16.89
CA GLY A 80 0.27 9.24 -17.61
C GLY A 80 -1.15 9.36 -17.08
N TYR A 81 -1.94 10.19 -17.75
CA TYR A 81 -3.31 10.45 -17.34
C TYR A 81 -4.18 10.80 -18.53
N CYS A 82 -5.50 10.69 -18.36
CA CYS A 82 -6.44 11.07 -19.40
C CYS A 82 -7.72 11.64 -18.81
N LYS A 83 -8.04 12.87 -19.19
CA LYS A 83 -9.24 13.53 -18.69
C LYS A 83 -10.09 14.06 -19.83
N VAL A 84 -11.10 13.29 -20.23
CA VAL A 84 -12.01 13.71 -21.29
C VAL A 84 -13.47 13.51 -20.87
N GLY A 85 -14.26 14.57 -21.01
CA GLY A 85 -15.66 14.54 -20.60
C GLY A 85 -15.84 14.10 -19.17
N ASP A 86 -16.55 12.98 -18.99
CA ASP A 86 -16.74 12.41 -17.66
C ASP A 86 -15.89 11.15 -17.52
N GLU A 87 -14.85 11.03 -18.33
CA GLU A 87 -13.94 9.91 -18.27
C GLU A 87 -12.63 10.30 -17.61
N ARG A 88 -12.20 9.50 -16.63
CA ARG A 88 -10.94 9.76 -15.92
C ARG A 88 -10.10 8.49 -15.88
N LEU A 89 -8.95 8.51 -16.53
CA LEU A 89 -8.06 7.34 -16.53
C LEU A 89 -6.65 7.69 -16.05
N LEU A 90 -6.00 6.70 -15.47
CA LEU A 90 -4.65 6.86 -14.92
C LEU A 90 -3.74 5.73 -15.39
N VAL A 91 -2.53 6.07 -15.81
CA VAL A 91 -1.63 5.07 -16.38
C VAL A 91 -0.38 4.89 -15.52
N TYR A 92 -0.19 3.68 -15.01
CA TYR A 92 0.97 3.36 -14.20
C TYR A 92 1.87 2.37 -14.93
N GLU A 93 3.13 2.29 -14.52
CA GLU A 93 4.00 1.23 -15.01
C GLU A 93 3.54 -0.11 -14.43
N PHE A 94 3.53 -1.14 -15.26
CA PHE A 94 3.03 -2.44 -14.88
C PHE A 94 3.95 -3.16 -13.90
N MET A 95 3.42 -3.50 -12.72
CA MET A 95 4.16 -4.27 -11.75
C MET A 95 3.92 -5.77 -11.95
N LYS A 96 4.96 -6.47 -12.38
CA LYS A 96 4.85 -7.85 -12.88
C LYS A 96 4.10 -8.80 -11.95
N TYR A 97 4.37 -8.73 -10.64
CA TYR A 97 3.81 -9.69 -9.71
C TYR A 97 2.57 -9.18 -8.98
N GLY A 98 1.96 -8.13 -9.50
CA GLY A 98 0.72 -7.61 -8.95
C GLY A 98 0.79 -7.16 -7.50
N SER A 99 -0.33 -7.20 -6.80
CA SER A 99 -0.37 -6.75 -5.42
C SER A 99 0.20 -7.80 -4.48
N LEU A 100 0.71 -7.35 -3.34
CA LEU A 100 1.26 -8.25 -2.32
C LEU A 100 0.20 -9.24 -1.85
N GLU A 101 -1.04 -8.76 -1.76
CA GLU A 101 -2.17 -9.59 -1.37
C GLU A 101 -2.34 -10.78 -2.31
N ASP A 102 -2.19 -10.54 -3.61
CA ASP A 102 -2.32 -11.58 -4.61
C ASP A 102 -1.18 -12.59 -4.52
N VAL A 103 0.01 -12.12 -4.15
CA VAL A 103 1.14 -13.01 -3.99
C VAL A 103 1.06 -13.76 -2.67
N LEU A 104 0.62 -13.05 -1.64
CA LEU A 104 0.51 -13.63 -0.30
C LEU A 104 -0.60 -14.69 -0.26
N HIS A 105 -1.62 -14.51 -1.09
CA HIS A 105 -2.71 -15.48 -1.19
C HIS A 105 -3.05 -15.74 -2.66
N ASP A 106 -2.98 -17.02 -3.06
CA ASP A 106 -3.22 -17.50 -4.43
C ASP A 106 -2.04 -17.19 -5.35
N GLY A 111 0.36 -18.31 -7.81
CA GLY A 111 1.18 -17.45 -6.96
C GLY A 111 2.65 -17.84 -6.96
N VAL A 112 3.45 -17.06 -6.25
CA VAL A 112 4.89 -17.31 -6.18
C VAL A 112 5.36 -17.51 -4.74
N LYS A 113 6.65 -17.75 -4.56
CA LYS A 113 7.22 -18.00 -3.24
C LYS A 113 7.93 -16.78 -2.68
N LEU A 114 7.65 -16.46 -1.43
CA LEU A 114 8.30 -15.34 -0.75
C LEU A 114 9.06 -15.79 0.49
N ASN A 115 10.37 -15.96 0.35
CA ASN A 115 11.22 -16.25 1.51
C ASN A 115 11.31 -15.02 2.40
N TRP A 116 11.82 -15.20 3.61
CA TRP A 116 11.86 -14.10 4.57
C TRP A 116 12.78 -12.96 4.14
N SER A 117 13.88 -13.30 3.47
CA SER A 117 14.84 -12.29 3.03
C SER A 117 14.18 -11.31 2.06
N THR A 118 13.28 -11.81 1.23
CA THR A 118 12.55 -10.95 0.29
C THR A 118 11.36 -10.29 0.97
N ARG A 119 10.77 -10.98 1.94
CA ARG A 119 9.65 -10.43 2.71
C ARG A 119 10.08 -9.20 3.50
N ARG A 120 11.27 -9.24 4.09
CA ARG A 120 11.75 -8.12 4.89
C ARG A 120 12.15 -6.96 3.98
N LYS A 121 12.55 -7.28 2.74
CA LYS A 121 12.88 -6.25 1.77
C LYS A 121 11.60 -5.58 1.29
N ILE A 122 10.52 -6.35 1.26
CA ILE A 122 9.20 -5.82 0.96
C ILE A 122 8.75 -4.89 2.10
N ALA A 123 9.05 -5.31 3.32
CA ALA A 123 8.71 -4.51 4.51
C ALA A 123 9.51 -3.22 4.57
N ILE A 124 10.80 -3.31 4.30
CA ILE A 124 11.68 -2.14 4.31
C ILE A 124 11.30 -1.16 3.20
N GLY A 125 11.11 -1.68 2.00
CA GLY A 125 10.77 -0.84 0.85
C GLY A 125 9.49 -0.07 1.04
N SER A 126 8.41 -0.79 1.37
CA SER A 126 7.10 -0.18 1.59
C SER A 126 7.16 0.85 2.72
N ALA A 127 7.96 0.57 3.73
CA ALA A 127 8.16 1.50 4.84
C ALA A 127 8.92 2.72 4.36
N ARG A 128 9.91 2.51 3.50
CA ARG A 128 10.70 3.60 2.95
C ARG A 128 9.82 4.50 2.08
N GLY A 129 8.90 3.89 1.35
CA GLY A 129 7.95 4.62 0.53
C GLY A 129 7.08 5.53 1.37
N LEU A 130 6.57 4.99 2.48
CA LEU A 130 5.72 5.76 3.38
C LEU A 130 6.50 6.89 4.08
N ALA A 131 7.72 6.58 4.49
CA ALA A 131 8.56 7.57 5.16
C ALA A 131 8.81 8.76 4.25
N PHE A 132 9.02 8.48 2.97
CA PHE A 132 9.22 9.51 1.97
C PHE A 132 8.00 10.43 1.92
N LEU A 133 6.82 9.83 1.92
CA LEU A 133 5.56 10.57 1.91
C LEU A 133 5.39 11.45 3.15
N HIS A 134 5.83 10.94 4.29
CA HIS A 134 5.59 11.61 5.56
C HIS A 134 6.64 12.65 5.93
N HIS A 135 7.87 12.45 5.46
CA HIS A 135 8.98 13.27 5.94
C HIS A 135 9.71 14.04 4.84
N ASN A 136 9.93 13.41 3.70
CA ASN A 136 10.68 14.03 2.61
C ASN A 136 9.80 14.87 1.69
N CYS A 137 8.50 14.85 1.93
CA CYS A 137 7.56 15.60 1.10
C CYS A 137 6.93 16.76 1.86
N SER A 138 7.05 17.97 1.31
CA SER A 138 6.39 19.14 1.87
C SER A 138 5.53 19.80 0.80
N PRO A 139 4.19 19.81 1.00
CA PRO A 139 3.46 19.30 2.18
C PRO A 139 3.49 17.78 2.32
N HIS A 140 3.29 17.30 3.54
CA HIS A 140 3.26 15.87 3.81
C HIS A 140 2.09 15.21 3.10
N ILE A 141 2.27 13.94 2.74
CA ILE A 141 1.19 13.19 2.10
C ILE A 141 0.72 12.06 3.01
N ILE A 142 -0.59 12.06 3.28
CA ILE A 142 -1.21 10.99 4.02
C ILE A 142 -1.92 10.05 3.05
N HIS A 143 -1.54 8.78 3.07
CA HIS A 143 -2.08 7.80 2.12
C HIS A 143 -3.54 7.45 2.41
N ARG A 144 -3.82 7.14 3.67
CA ARG A 144 -5.16 6.84 4.17
C ARG A 144 -5.75 5.52 3.67
N ASP A 145 -4.98 4.74 2.92
CA ASP A 145 -5.49 3.45 2.45
C ASP A 145 -4.38 2.43 2.24
N MET A 146 -3.40 2.43 3.13
CA MET A 146 -2.33 1.45 3.11
C MET A 146 -2.90 0.05 3.30
N LYS A 147 -2.72 -0.80 2.29
CA LYS A 147 -3.22 -2.17 2.31
C LYS A 147 -2.17 -3.11 1.74
N SER A 148 -2.42 -4.41 1.87
CA SER A 148 -1.59 -5.39 1.18
C SER A 148 -1.92 -5.37 -0.31
N SER A 149 -3.15 -5.01 -0.64
CA SER A 149 -3.57 -4.93 -2.03
C SER A 149 -3.06 -3.65 -2.69
N ASN A 150 -2.59 -2.71 -1.89
CA ASN A 150 -2.05 -1.46 -2.38
C ASN A 150 -0.54 -1.40 -2.23
N VAL A 151 0.07 -2.56 -2.11
CA VAL A 151 1.52 -2.70 -2.20
C VAL A 151 1.84 -3.57 -3.40
N LEU A 152 2.34 -2.94 -4.47
CA LEU A 152 2.64 -3.68 -5.69
C LEU A 152 4.07 -4.22 -5.65
N LEU A 153 4.31 -5.28 -6.42
CA LEU A 153 5.63 -5.89 -6.47
C LEU A 153 6.16 -5.92 -7.89
N ASP A 154 7.31 -5.26 -8.12
CA ASP A 154 7.85 -5.19 -9.47
C ASP A 154 8.60 -6.46 -9.87
N GLU A 155 9.45 -6.34 -10.87
CA GLU A 155 10.15 -7.48 -11.46
C GLU A 155 11.16 -8.08 -10.49
N ASN A 156 11.62 -7.27 -9.55
CA ASN A 156 12.62 -7.71 -8.58
C ASN A 156 12.00 -8.04 -7.22
N LEU A 157 10.68 -8.18 -7.21
CA LEU A 157 9.92 -8.37 -5.97
C LEU A 157 10.21 -7.26 -4.97
N GLU A 158 10.43 -6.05 -5.48
CA GLU A 158 10.56 -4.87 -4.65
C GLU A 158 9.18 -4.25 -4.41
N ALA A 159 8.90 -3.87 -3.17
CA ALA A 159 7.61 -3.30 -2.82
C ALA A 159 7.47 -1.88 -3.35
N ARG A 160 6.32 -1.58 -3.95
CA ARG A 160 6.04 -0.23 -4.41
C ARG A 160 4.62 0.17 -4.03
N VAL A 161 4.51 1.15 -3.14
CA VAL A 161 3.22 1.58 -2.59
C VAL A 161 2.36 2.18 -3.69
N SER A 162 1.09 1.78 -3.71
CA SER A 162 0.17 2.16 -4.78
C SER A 162 -1.11 2.81 -4.24
N ASP A 163 -2.01 3.14 -5.15
CA ASP A 163 -3.37 3.60 -4.84
C ASP A 163 -3.41 4.85 -3.95
N PHE A 164 -3.21 6.01 -4.56
CA PHE A 164 -3.29 7.28 -3.85
C PHE A 164 -4.63 7.95 -4.11
N GLY A 165 -5.64 7.12 -4.36
CA GLY A 165 -6.97 7.62 -4.66
C GLY A 165 -7.62 8.37 -3.51
N MET A 166 -7.22 8.02 -2.29
CA MET A 166 -7.81 8.65 -1.11
C MET A 166 -6.77 9.44 -0.33
N ALA A 167 -5.65 9.74 -0.96
CA ALA A 167 -4.57 10.48 -0.34
C ALA A 167 -4.95 11.95 -0.14
N ARG A 168 -4.29 12.59 0.82
CA ARG A 168 -4.52 14.01 1.12
C ARG A 168 -3.22 14.73 1.44
N LEU A 169 -3.18 16.03 1.20
CA LEU A 169 -2.02 16.84 1.51
C LEU A 169 -2.16 17.50 2.87
N MET A 170 -1.14 17.35 3.71
CA MET A 170 -1.13 18.00 5.02
C MET A 170 0.12 18.86 5.18
N SER A 171 -0.07 20.08 5.67
CA SER A 171 1.04 20.99 5.91
C SER A 171 1.99 20.41 6.96
N ALA A 172 3.27 20.74 6.83
CA ALA A 172 4.29 20.19 7.72
C ALA A 172 4.22 20.80 9.12
N MET A 173 3.49 21.89 9.26
CA MET A 173 3.35 22.57 10.55
C MET A 173 2.20 21.99 11.37
N ASP A 174 1.51 20.99 10.83
CA ASP A 174 0.37 20.39 11.50
C ASP A 174 0.64 18.97 11.98
N HIS A 176 -2.29 16.84 12.39
CA HIS A 176 -3.39 16.09 11.81
C HIS A 176 -4.12 16.88 10.74
N LEU A 177 -5.02 16.21 10.02
CA LEU A 177 -5.83 16.85 9.00
C LEU A 177 -7.30 16.48 9.16
N VAL A 179 -10.91 16.08 7.85
CA VAL A 179 -11.43 15.80 6.53
C VAL A 179 -12.96 15.80 6.48
N THR A 181 -14.81 13.02 5.03
CA THR A 181 -15.32 11.66 5.13
C THR A 181 -14.37 10.71 5.83
N LEU A 182 -14.90 9.58 6.28
CA LEU A 182 -14.07 8.50 6.81
C LEU A 182 -13.58 7.61 5.69
N ALA A 183 -12.27 7.51 5.54
CA ALA A 183 -11.70 6.70 4.47
C ALA A 183 -10.87 5.54 5.01
N GLY A 184 -10.77 4.47 4.22
CA GLY A 184 -9.99 3.31 4.60
C GLY A 184 -10.66 2.00 4.28
N THR A 185 -10.01 0.91 4.69
CA THR A 185 -10.52 -0.44 4.47
C THR A 185 -10.66 -1.17 5.80
N PRO A 186 -11.82 -1.79 6.03
CA PRO A 186 -12.06 -2.56 7.27
C PRO A 186 -10.98 -3.60 7.53
N GLY A 187 -10.40 -3.56 8.73
CA GLY A 187 -9.28 -4.41 9.07
C GLY A 187 -7.98 -3.65 9.04
N TYR A 188 -8.01 -2.44 8.46
CA TYR A 188 -6.82 -1.60 8.35
C TYR A 188 -7.03 -0.24 9.01
N VAL A 189 -8.29 0.08 9.30
CA VAL A 189 -8.62 1.41 9.84
C VAL A 189 -8.09 1.61 11.25
N PRO A 190 -7.32 2.70 11.46
CA PRO A 190 -6.90 3.08 12.81
C PRO A 190 -8.12 3.36 13.68
N PRO A 191 -8.09 2.95 14.95
CA PRO A 191 -9.26 3.08 15.83
C PRO A 191 -9.73 4.52 15.98
N GLU A 192 -8.81 5.48 16.02
CA GLU A 192 -9.18 6.88 16.24
C GLU A 192 -9.85 7.50 15.01
N TYR A 193 -9.74 6.82 13.86
CA TYR A 193 -10.39 7.28 12.65
C TYR A 193 -11.91 7.10 12.73
N TYR A 194 -12.35 6.24 13.64
CA TYR A 194 -13.78 6.04 13.86
C TYR A 194 -14.35 7.12 14.76
N GLN A 195 -13.54 7.60 15.70
CA GLN A 195 -14.01 8.53 16.72
C GLN A 195 -14.03 9.98 16.25
N SER A 196 -13.33 10.26 15.14
CA SER A 196 -13.22 11.63 14.65
C SER A 196 -12.98 11.67 13.14
N PHE A 197 -13.31 12.80 12.53
CA PHE A 197 -13.05 13.01 11.11
C PHE A 197 -11.67 13.61 10.89
N ARG A 198 -10.67 13.02 11.56
CA ARG A 198 -9.30 13.52 11.47
C ARG A 198 -8.36 12.40 11.05
N CYS A 199 -7.43 12.71 10.16
CA CYS A 199 -6.45 11.74 9.69
C CYS A 199 -5.04 12.28 9.92
N SER A 200 -4.07 11.36 9.96
CA SER A 200 -2.68 11.72 10.23
C SER A 200 -1.71 10.71 9.64
N THR A 201 -0.43 11.07 9.60
CA THR A 201 0.60 10.14 9.15
C THR A 201 0.68 8.95 10.12
N LYS A 202 0.39 9.21 11.39
CA LYS A 202 0.36 8.15 12.39
C LYS A 202 -0.74 7.14 12.07
N GLY A 203 -1.80 7.62 11.43
CA GLY A 203 -2.84 6.74 10.93
C GLY A 203 -2.28 5.77 9.90
N ASP A 204 -1.45 6.29 9.01
CA ASP A 204 -0.79 5.46 8.00
C ASP A 204 0.13 4.44 8.63
N VAL A 205 0.81 4.84 9.72
CA VAL A 205 1.71 3.94 10.43
C VAL A 205 0.96 2.72 10.94
N TYR A 206 -0.21 2.96 11.51
CA TYR A 206 -1.06 1.87 11.97
C TYR A 206 -1.37 0.91 10.83
N SER A 207 -1.89 1.45 9.73
CA SER A 207 -2.24 0.64 8.57
C SER A 207 -1.02 -0.12 8.03
N TYR A 208 0.15 0.49 8.15
CA TYR A 208 1.39 -0.19 7.77
C TYR A 208 1.65 -1.38 8.68
N GLY A 209 1.36 -1.21 9.97
CA GLY A 209 1.56 -2.27 10.95
C GLY A 209 0.80 -3.53 10.58
N VAL A 210 -0.45 -3.36 10.15
CA VAL A 210 -1.27 -4.48 9.73
C VAL A 210 -0.63 -5.22 8.55
N VAL A 211 -0.10 -4.48 7.61
CA VAL A 211 0.55 -5.07 6.44
C VAL A 211 1.79 -5.85 6.86
N LEU A 212 2.55 -5.28 7.79
CA LEU A 212 3.73 -5.96 8.33
C LEU A 212 3.32 -7.26 9.04
N LEU A 213 2.13 -7.25 9.66
CA LEU A 213 1.61 -8.46 10.27
C LEU A 213 1.29 -9.52 9.23
N GLU A 214 0.77 -9.08 8.08
CA GLU A 214 0.44 -9.99 7.00
C GLU A 214 1.70 -10.66 6.46
N LEU A 215 2.81 -9.93 6.49
CA LEU A 215 4.09 -10.47 6.06
C LEU A 215 4.66 -11.45 7.09
N LEU A 216 4.26 -11.28 8.34
CA LEU A 216 4.77 -12.12 9.42
C LEU A 216 3.90 -13.35 9.66
N THR A 217 2.58 -13.17 9.64
CA THR A 217 1.66 -14.26 9.91
C THR A 217 1.27 -15.02 8.65
N GLY A 218 0.93 -14.28 7.60
CA GLY A 218 0.52 -14.88 6.34
C GLY A 218 -0.99 -14.92 6.21
N LYS A 219 -1.69 -14.46 7.24
CA LYS A 219 -3.14 -14.47 7.25
C LYS A 219 -3.74 -13.11 6.89
N ARG A 220 -4.98 -13.12 6.43
CA ARG A 220 -5.71 -11.88 6.17
C ARG A 220 -6.02 -11.19 7.49
N PRO A 221 -6.16 -9.84 7.45
CA PRO A 221 -6.44 -9.08 8.68
C PRO A 221 -7.80 -9.40 9.31
N THR A 222 -8.71 -9.96 8.51
CA THR A 222 -10.07 -10.23 8.98
C THR A 222 -10.13 -11.40 9.95
N ASP A 223 -9.34 -12.43 9.70
CA ASP A 223 -9.23 -13.58 10.60
C ASP A 223 -8.64 -13.13 11.92
N SER A 224 -9.05 -13.72 13.06
CA SER A 224 -10.07 -14.76 13.16
C SER A 224 -10.66 -14.75 14.57
N PRO A 225 -11.97 -14.50 14.69
CA PRO A 225 -12.63 -14.57 16.01
C PRO A 225 -13.35 -15.90 16.22
N ASN A 231 -10.47 -9.77 15.48
CA ASN A 231 -9.71 -9.73 14.23
C ASN A 231 -8.26 -10.14 14.45
N LEU A 232 -7.41 -9.88 13.45
CA LEU A 232 -6.01 -10.30 13.51
C LEU A 232 -5.22 -9.51 14.53
N VAL A 233 -5.31 -8.18 14.45
CA VAL A 233 -4.60 -7.28 15.36
C VAL A 233 -4.93 -7.60 16.82
N GLY A 234 -6.19 -7.89 17.10
CA GLY A 234 -6.62 -8.23 18.43
C GLY A 234 -6.11 -9.58 18.89
N TRP A 235 -6.21 -10.58 18.01
CA TRP A 235 -5.77 -11.94 18.31
C TRP A 235 -4.28 -11.99 18.61
N VAL A 236 -3.49 -11.25 17.84
CA VAL A 236 -2.05 -11.21 18.05
C VAL A 236 -1.72 -10.57 19.40
N LYS A 237 -2.41 -9.47 19.71
CA LYS A 237 -2.22 -8.76 20.97
C LYS A 237 -2.50 -9.65 22.18
N GLN A 238 -3.45 -10.58 22.00
CA GLN A 238 -3.81 -11.51 23.06
C GLN A 238 -2.78 -12.65 23.16
N HIS A 239 -2.38 -13.18 22.01
CA HIS A 239 -1.39 -14.25 21.97
C HIS A 239 0.00 -13.72 22.27
N ALA A 240 0.15 -12.40 22.29
CA ALA A 240 1.40 -11.76 22.64
C ALA A 240 1.74 -12.00 24.09
N LYS A 241 0.72 -12.26 24.90
CA LYS A 241 0.90 -12.58 26.31
C LYS A 241 0.99 -14.09 26.51
N LEU A 242 0.71 -14.84 25.46
CA LEU A 242 0.75 -16.30 25.51
C LEU A 242 2.02 -16.86 24.88
N ARG A 243 1.86 -17.64 23.82
CA ARG A 243 3.00 -18.21 23.11
C ARG A 243 3.19 -17.53 21.76
N ILE A 244 4.21 -16.67 21.67
CA ILE A 244 4.47 -15.91 20.45
C ILE A 244 5.00 -16.80 19.33
N SER A 245 5.44 -18.01 19.67
CA SER A 245 5.97 -18.94 18.70
C SER A 245 4.87 -19.54 17.84
N ASP A 246 3.64 -19.50 18.33
CA ASP A 246 2.50 -20.07 17.61
C ASP A 246 1.74 -19.00 16.85
N VAL A 247 2.43 -17.94 16.44
CA VAL A 247 1.78 -16.83 15.75
C VAL A 247 2.38 -16.57 14.36
N PHE A 248 3.67 -16.84 14.20
CA PHE A 248 4.36 -16.54 12.95
C PHE A 248 3.91 -17.42 11.79
N ASP A 249 4.43 -17.14 10.60
CA ASP A 249 4.11 -17.90 9.40
C ASP A 249 4.82 -19.25 9.42
N PRO A 250 4.07 -20.35 9.27
CA PRO A 250 4.61 -21.71 9.23
C PRO A 250 5.72 -21.88 8.18
N GLU A 251 5.47 -21.40 6.96
CA GLU A 251 6.42 -21.57 5.87
C GLU A 251 7.68 -20.72 6.06
N LEU A 252 7.62 -19.77 6.99
CA LEU A 252 8.75 -18.89 7.27
C LEU A 252 9.70 -19.51 8.29
N MET A 253 9.17 -20.43 9.11
CA MET A 253 9.97 -21.08 10.15
C MET A 253 10.74 -22.26 9.58
N LYS A 254 10.25 -22.80 8.45
CA LYS A 254 10.91 -23.90 7.78
C LYS A 254 12.25 -23.45 7.18
N GLU A 255 12.35 -22.17 6.89
CA GLU A 255 13.57 -21.59 6.34
C GLU A 255 14.71 -21.67 7.35
N ASP A 256 14.49 -21.08 8.52
CA ASP A 256 15.48 -21.11 9.59
C ASP A 256 14.82 -20.82 10.94
N PRO A 257 15.03 -21.72 11.92
CA PRO A 257 14.46 -21.60 13.26
C PRO A 257 15.22 -20.61 14.16
N ALA A 258 16.49 -20.40 13.86
CA ALA A 258 17.32 -19.49 14.66
C ALA A 258 17.15 -18.05 14.18
N LEU A 259 16.22 -17.85 13.26
CA LEU A 259 15.97 -16.53 12.70
C LEU A 259 14.81 -15.86 13.43
N GLU A 260 14.13 -16.62 14.28
CA GLU A 260 12.95 -16.15 14.99
C GLU A 260 13.24 -14.94 15.89
N ILE A 261 14.49 -14.81 16.32
CA ILE A 261 14.91 -13.68 17.13
C ILE A 261 14.81 -12.39 16.30
N GLU A 262 15.05 -12.50 15.01
CA GLU A 262 14.90 -11.37 14.09
C GLU A 262 13.42 -11.14 13.79
N LEU A 263 12.67 -12.23 13.71
CA LEU A 263 11.23 -12.18 13.47
C LEU A 263 10.50 -11.47 14.61
N LEU A 264 10.89 -11.80 15.85
CA LEU A 264 10.27 -11.22 17.02
C LEU A 264 10.55 -9.73 17.13
N GLN A 265 11.77 -9.33 16.76
CA GLN A 265 12.14 -7.92 16.74
C GLN A 265 11.31 -7.17 15.71
N HIS A 266 11.07 -7.80 14.56
CA HIS A 266 10.20 -7.23 13.54
C HIS A 266 8.76 -7.16 14.04
N LEU A 267 8.38 -8.14 14.86
CA LEU A 267 7.03 -8.18 15.43
C LEU A 267 6.83 -7.03 16.40
N LYS A 268 7.86 -6.72 17.18
CA LYS A 268 7.80 -5.62 18.13
C LYS A 268 7.63 -4.29 17.39
N VAL A 269 8.17 -4.23 16.18
CA VAL A 269 7.98 -3.07 15.31
C VAL A 269 6.53 -2.99 14.86
N ALA A 270 5.97 -4.13 14.46
CA ALA A 270 4.59 -4.21 14.03
C ALA A 270 3.62 -3.87 15.15
N VAL A 271 3.92 -4.33 16.37
CA VAL A 271 3.07 -4.10 17.51
C VAL A 271 3.07 -2.61 17.92
N ALA A 272 4.24 -1.98 17.86
CA ALA A 272 4.35 -0.57 18.18
C ALA A 272 3.53 0.27 17.22
N CYS A 273 3.51 -0.13 15.95
CA CYS A 273 2.71 0.56 14.94
C CYS A 273 1.22 0.43 15.21
N LEU A 274 0.84 -0.66 15.86
CA LEU A 274 -0.56 -1.01 16.04
C LEU A 274 -1.14 -0.58 17.38
N ASP A 275 -0.43 0.30 18.08
CA ASP A 275 -0.90 0.81 19.36
C ASP A 275 -2.15 1.66 19.16
N ASP A 276 -3.14 1.48 20.03
CA ASP A 276 -4.39 2.22 19.96
C ASP A 276 -4.16 3.73 20.07
N ARG A 277 -3.06 4.12 20.70
CA ARG A 277 -2.69 5.51 20.85
C ARG A 277 -1.80 5.95 19.69
N ALA A 278 -2.21 7.02 19.01
CA ALA A 278 -1.47 7.51 17.85
C ALA A 278 -0.14 8.13 18.26
N TRP A 279 -0.11 8.74 19.44
CA TRP A 279 1.10 9.41 19.91
C TRP A 279 2.19 8.42 20.29
N ARG A 280 1.79 7.18 20.60
CA ARG A 280 2.71 6.14 21.04
C ARG A 280 3.35 5.43 19.84
N ARG A 281 2.67 5.48 18.69
CA ARG A 281 3.18 4.87 17.48
C ARG A 281 4.48 5.52 17.02
N PRO A 282 5.39 4.72 16.45
CA PRO A 282 6.61 5.26 15.86
C PRO A 282 6.33 5.93 14.52
N THR A 283 7.20 6.84 14.11
CA THR A 283 7.15 7.36 12.75
C THR A 283 7.77 6.34 11.82
N MET A 284 7.50 6.46 10.52
CA MET A 284 8.06 5.54 9.55
C MET A 284 9.58 5.68 9.46
N VAL A 285 10.10 6.85 9.85
CA VAL A 285 11.54 7.06 9.94
C VAL A 285 12.11 6.22 11.08
N GLN A 286 11.41 6.18 12.21
CA GLN A 286 11.80 5.32 13.32
C GLN A 286 11.72 3.86 12.94
N VAL A 287 10.66 3.50 12.21
CA VAL A 287 10.48 2.14 11.75
C VAL A 287 11.65 1.73 10.86
N MET A 288 12.04 2.62 9.95
CA MET A 288 13.24 2.42 9.13
C MET A 288 14.47 2.24 10.01
N ALA A 289 14.62 3.11 11.00
CA ALA A 289 15.78 3.08 11.89
C ALA A 289 15.81 1.79 12.72
N MET A 290 14.64 1.26 13.05
CA MET A 290 14.56 0.02 13.82
C MET A 290 14.98 -1.16 12.94
N PHE A 291 14.55 -1.16 11.68
CA PHE A 291 14.94 -2.19 10.73
C PHE A 291 16.45 -2.23 10.53
N LYS A 292 17.05 -1.05 10.55
CA LYS A 292 18.49 -0.89 10.36
C LYS A 292 19.27 -1.46 11.55
N GLU A 293 18.75 -1.22 12.74
CA GLU A 293 19.41 -1.70 13.96
C GLU A 293 19.14 -3.19 14.22
N ILE A 294 18.17 -3.75 13.52
CA ILE A 294 17.84 -5.17 13.68
C ILE A 294 18.86 -6.05 12.97
N GLN A 295 19.14 -5.72 11.71
CA GLN A 295 20.09 -6.50 10.92
C GLN A 295 21.51 -5.95 11.03
N ALA A 296 21.89 -5.49 12.22
CA ALA A 296 23.21 -4.93 12.45
C ALA A 296 23.84 -5.46 13.73
#